data_5CXV
#
_entry.id   5CXV
#
_cell.length_a   58.053
_cell.length_b   72.186
_cell.length_c   175.688
_cell.angle_alpha   90.00
_cell.angle_beta   90.00
_cell.angle_gamma   90.00
#
_symmetry.space_group_name_H-M   'P 21 21 21'
#
loop_
_entity.id
_entity.type
_entity.pdbx_description
1 polymer 'Muscarinic acetylcholine receptor M1,Endolysin,Muscarinic acetylcholine receptor M1'
2 polymer 'FLAG peptide'
3 non-polymer (1R,2R,4S,5S,7S)-7-{[hydroxy(dithiophen-2-yl)acetyl]oxy}-9,9-dimethyl-3-oxa-9-azoniatricyclo[3.3.1.0~2,4~]nonane
4 non-polymer 'CHOLESTEROL HEMISUCCINATE'
5 non-polymer 1,2-ETHANEDIOL
6 non-polymer 'TRIETHYLENE GLYCOL'
7 non-polymer GLYCEROL
8 water water
#
loop_
_entity_poly.entity_id
_entity_poly.type
_entity_poly.pdbx_seq_one_letter_code
_entity_poly.pdbx_strand_id
1 'polypeptide(L)'
;MKTIIALSYIFCLVFADYKDDDDAAAQTSAPPAVSPQITVLAPGKGPWQVAFIGITTGLLSLATVTGNLLVLISFKVNTE
LKTVNNYFLLSLACADLIIGTFSMNLYTTYLLMGHWALGTLACDLWLALDYVASQASVMNLLLISFDRYFSVTRPLSYRA
KRTPRRAALMIGLAWLVSFVLWAPAILFWQYLVGERTVLAGQCYIQFLSQPIITFGTAMAAFYLPVTVMCTLYWRIYRET
ENRNIFEMLRIDEGLRLKIYKDTEGYYTIGIGHLLTKSPSLNAAKSELDKAIGRNTNGVITKDEAEKLFNQDVDAAVRGI
LRNAKLKPVYDSLDAVRRAALINMVFQMGETGVAGFTNSLRMLQQKRWDEAAVNLAKSRWYNQTPNRAKRVITTFRTGTW
DAYFSLVKEKKAARTLSAILLAFILTWTPYNIMVLVSTFCKDCVPETLWELGYWLCYVNSTINPMCYALCNKAFRDTFRL
LLLCRWDKRRWRKIPKRPGSVHRTPSRQCHHHHHH
;
A
2 'polypeptide(L)' DYKDDDD C
#
# COMPACT_ATOMS: atom_id res chain seq x y z
N LYS A 45 -14.69 18.22 37.36
CA LYS A 45 -13.93 18.95 36.36
C LYS A 45 -14.06 20.45 36.59
N GLY A 46 -12.92 21.14 36.70
CA GLY A 46 -12.90 22.56 37.00
C GLY A 46 -13.25 23.41 35.81
N PRO A 47 -13.62 24.67 36.06
CA PRO A 47 -14.04 25.54 34.94
C PRO A 47 -12.92 25.86 33.96
N TRP A 48 -11.73 26.22 34.45
CA TRP A 48 -10.61 26.48 33.55
C TRP A 48 -10.26 25.23 32.75
N GLN A 49 -10.21 24.08 33.41
CA GLN A 49 -9.97 22.80 32.73
C GLN A 49 -10.98 22.59 31.61
N VAL A 50 -12.26 22.79 31.92
CA VAL A 50 -13.33 22.62 30.93
C VAL A 50 -13.13 23.55 29.75
N ALA A 51 -12.78 24.82 30.02
CA ALA A 51 -12.59 25.78 28.93
C ALA A 51 -11.42 25.38 28.04
N PHE A 52 -10.29 25.02 28.65
CA PHE A 52 -9.12 24.63 27.88
C PHE A 52 -9.39 23.42 27.01
N ILE A 53 -9.81 22.32 27.64
CA ILE A 53 -10.04 21.08 26.88
C ILE A 53 -11.09 21.30 25.81
N GLY A 54 -12.19 21.98 26.15
CA GLY A 54 -13.24 22.23 25.18
C GLY A 54 -12.75 23.04 23.98
N ILE A 55 -11.93 24.07 24.24
CA ILE A 55 -11.46 24.90 23.14
C ILE A 55 -10.48 24.12 22.26
N THR A 56 -9.53 23.41 22.87
CA THR A 56 -8.50 22.73 22.08
C THR A 56 -9.10 21.59 21.26
N THR A 57 -9.88 20.70 21.89
CA THR A 57 -10.52 19.64 21.12
C THR A 57 -11.58 20.18 20.17
N GLY A 58 -12.10 21.39 20.43
CA GLY A 58 -12.93 22.05 19.45
C GLY A 58 -12.13 22.35 18.19
N LEU A 59 -11.05 23.12 18.35
CA LEU A 59 -10.15 23.42 17.23
C LEU A 59 -9.77 22.17 16.46
N LEU A 60 -9.34 21.13 17.19
CA LEU A 60 -9.01 19.86 16.54
C LEU A 60 -10.21 19.30 15.79
N SER A 61 -11.42 19.49 16.34
CA SER A 61 -12.61 18.98 15.68
C SER A 61 -12.85 19.66 14.33
N LEU A 62 -12.90 21.00 14.32
CA LEU A 62 -13.15 21.69 13.07
C LEU A 62 -11.99 21.58 12.09
N ALA A 63 -10.77 21.31 12.57
CA ALA A 63 -9.68 21.01 11.66
C ALA A 63 -9.87 19.66 11.00
N THR A 64 -10.35 18.66 11.76
CA THR A 64 -10.64 17.35 11.17
C THR A 64 -11.77 17.46 10.15
N VAL A 65 -12.88 18.09 10.54
CA VAL A 65 -14.02 18.26 9.64
C VAL A 65 -13.60 19.02 8.38
N THR A 66 -12.85 20.11 8.56
CA THR A 66 -12.43 20.92 7.40
C THR A 66 -11.55 20.11 6.47
N GLY A 67 -10.51 19.46 7.00
CA GLY A 67 -9.62 18.67 6.17
C GLY A 67 -10.30 17.57 5.39
N ASN A 68 -10.97 16.66 6.11
CA ASN A 68 -11.56 15.51 5.44
C ASN A 68 -12.70 15.93 4.52
N LEU A 69 -13.51 16.91 4.94
CA LEU A 69 -14.55 17.44 4.07
C LEU A 69 -13.94 18.02 2.79
N LEU A 70 -12.78 18.67 2.92
CA LEU A 70 -12.08 19.18 1.73
C LEU A 70 -11.65 18.05 0.81
N VAL A 71 -11.22 16.91 1.38
CA VAL A 71 -10.91 15.76 0.54
C VAL A 71 -12.16 15.30 -0.22
N LEU A 72 -13.28 15.19 0.48
CA LEU A 72 -14.52 14.73 -0.16
C LEU A 72 -14.93 15.66 -1.30
N ILE A 73 -14.98 16.97 -1.03
CA ILE A 73 -15.46 17.92 -2.03
C ILE A 73 -14.48 18.00 -3.21
N SER A 74 -13.18 18.03 -2.92
CA SER A 74 -12.18 18.05 -3.98
C SER A 74 -12.32 16.85 -4.90
N PHE A 75 -12.45 15.66 -4.32
CA PHE A 75 -12.68 14.46 -5.13
C PHE A 75 -13.95 14.60 -5.96
N LYS A 76 -15.01 15.11 -5.35
CA LYS A 76 -16.29 15.22 -6.05
C LYS A 76 -16.20 16.15 -7.26
N VAL A 77 -15.47 17.26 -7.13
CA VAL A 77 -15.54 18.34 -8.11
C VAL A 77 -14.37 18.34 -9.10
N ASN A 78 -13.31 17.58 -8.83
CA ASN A 78 -12.13 17.57 -9.70
C ASN A 78 -11.94 16.15 -10.24
N THR A 79 -12.12 15.98 -11.55
CA THR A 79 -12.03 14.65 -12.14
C THR A 79 -10.60 14.11 -12.12
N GLU A 80 -9.61 15.00 -12.16
CA GLU A 80 -8.21 14.55 -12.10
C GLU A 80 -7.93 13.72 -10.85
N LEU A 81 -8.67 13.97 -9.77
CA LEU A 81 -8.49 13.26 -8.51
C LEU A 81 -9.32 11.99 -8.41
N LYS A 82 -10.15 11.68 -9.41
CA LYS A 82 -11.03 10.51 -9.34
C LYS A 82 -10.29 9.25 -9.78
N THR A 83 -9.26 8.91 -9.01
CA THR A 83 -8.47 7.71 -9.24
C THR A 83 -8.78 6.64 -8.20
N VAL A 84 -8.52 5.39 -8.59
CA VAL A 84 -8.74 4.25 -7.70
C VAL A 84 -7.92 4.41 -6.43
N ASN A 85 -6.70 4.93 -6.55
CA ASN A 85 -5.92 5.27 -5.36
C ASN A 85 -6.71 6.15 -4.41
N ASN A 86 -7.42 7.14 -4.95
CA ASN A 86 -8.13 8.11 -4.13
C ASN A 86 -9.48 7.60 -3.65
N TYR A 87 -9.99 6.50 -4.20
CA TYR A 87 -11.15 5.84 -3.60
C TYR A 87 -10.86 5.50 -2.13
N PHE A 88 -9.71 4.88 -1.87
CA PHE A 88 -9.37 4.46 -0.52
C PHE A 88 -9.22 5.65 0.42
N LEU A 89 -8.52 6.70 -0.03
CA LEU A 89 -8.38 7.91 0.80
C LEU A 89 -9.73 8.57 1.03
N LEU A 90 -10.66 8.44 0.08
CA LEU A 90 -12.00 8.96 0.28
C LEU A 90 -12.72 8.21 1.38
N SER A 91 -12.59 6.88 1.40
CA SER A 91 -13.22 6.09 2.45
C SER A 91 -12.60 6.40 3.82
N LEU A 92 -11.26 6.43 3.90
CA LEU A 92 -10.59 6.88 5.12
C LEU A 92 -11.11 8.24 5.57
N ALA A 93 -11.27 9.17 4.62
CA ALA A 93 -11.74 10.51 4.97
C ALA A 93 -13.18 10.50 5.43
N CYS A 94 -13.97 9.50 5.01
CA CYS A 94 -15.31 9.35 5.55
C CYS A 94 -15.27 8.91 7.01
N ALA A 95 -14.40 7.94 7.33
CA ALA A 95 -14.26 7.52 8.72
C ALA A 95 -13.77 8.68 9.60
N ASP A 96 -12.64 9.29 9.21
CA ASP A 96 -12.11 10.41 9.97
C ASP A 96 -13.09 11.57 10.05
N LEU A 97 -13.94 11.73 9.03
CA LEU A 97 -14.95 12.77 9.08
C LEU A 97 -15.99 12.45 10.16
N ILE A 98 -16.55 11.25 10.13
CA ILE A 98 -17.50 10.82 11.16
C ILE A 98 -16.93 11.09 12.55
N ILE A 99 -15.71 10.59 12.79
CA ILE A 99 -15.06 10.79 14.08
C ILE A 99 -14.91 12.27 14.38
N GLY A 100 -14.58 13.08 13.38
CA GLY A 100 -14.32 14.48 13.62
C GLY A 100 -15.56 15.29 13.97
N THR A 101 -16.69 14.97 13.33
CA THR A 101 -17.90 15.76 13.56
C THR A 101 -18.71 15.28 14.76
N PHE A 102 -18.79 13.96 15.00
CA PHE A 102 -19.61 13.49 16.11
C PHE A 102 -18.78 13.06 17.32
N SER A 103 -17.79 12.18 17.10
CA SER A 103 -17.21 11.41 18.19
C SER A 103 -16.43 12.30 19.16
N MET A 104 -15.44 13.04 18.65
CA MET A 104 -14.59 13.84 19.53
C MET A 104 -15.41 14.82 20.36
N ASN A 105 -16.48 15.36 19.78
CA ASN A 105 -17.26 16.38 20.47
C ASN A 105 -18.20 15.78 21.51
N LEU A 106 -18.91 14.69 21.16
CA LEU A 106 -19.76 14.06 22.15
C LEU A 106 -18.95 13.47 23.30
N TYR A 107 -17.81 12.85 22.98
CA TYR A 107 -16.97 12.27 24.02
C TYR A 107 -16.34 13.35 24.90
N THR A 108 -15.86 14.44 24.30
CA THR A 108 -15.26 15.51 25.09
C THR A 108 -16.30 16.22 25.93
N THR A 109 -17.52 16.38 25.41
CA THR A 109 -18.58 17.01 26.18
C THR A 109 -18.99 16.14 27.36
N TYR A 110 -19.25 14.86 27.11
CA TYR A 110 -19.62 13.95 28.20
C TYR A 110 -18.50 13.83 29.24
N LEU A 111 -17.24 13.85 28.80
CA LEU A 111 -16.12 13.76 29.72
C LEU A 111 -16.02 15.03 30.57
N LEU A 112 -16.20 16.20 29.95
CA LEU A 112 -16.10 17.45 30.70
C LEU A 112 -17.24 17.62 31.68
N MET A 113 -18.47 17.32 31.25
CA MET A 113 -19.63 17.49 32.13
C MET A 113 -19.67 16.42 33.21
N GLY A 114 -19.21 15.20 32.91
CA GLY A 114 -19.19 14.12 33.86
C GLY A 114 -20.38 13.19 33.82
N HIS A 115 -21.34 13.44 32.94
CA HIS A 115 -22.51 12.58 32.82
C HIS A 115 -23.05 12.69 31.39
N TRP A 116 -23.82 11.70 30.98
CA TRP A 116 -24.45 11.67 29.67
C TRP A 116 -25.89 12.15 29.81
N ALA A 117 -26.24 13.18 29.05
CA ALA A 117 -27.53 13.85 29.19
C ALA A 117 -28.44 13.68 27.99
N LEU A 118 -27.98 13.03 26.92
CA LEU A 118 -28.77 12.89 25.70
C LEU A 118 -29.60 11.61 25.66
N GLY A 119 -29.50 10.75 26.67
CA GLY A 119 -30.35 9.59 26.76
C GLY A 119 -29.65 8.31 26.36
N THR A 120 -30.33 7.20 26.64
CA THR A 120 -29.76 5.88 26.41
C THR A 120 -29.60 5.58 24.93
N LEU A 121 -30.61 5.91 24.12
CA LEU A 121 -30.52 5.62 22.69
C LEU A 121 -29.46 6.47 22.01
N ALA A 122 -29.35 7.75 22.39
CA ALA A 122 -28.29 8.59 21.85
C ALA A 122 -26.91 8.08 22.29
N CYS A 123 -26.82 7.60 23.52
CA CYS A 123 -25.58 6.97 23.98
C CYS A 123 -25.20 5.79 23.08
N ASP A 124 -26.14 4.86 22.90
CA ASP A 124 -25.88 3.68 22.09
C ASP A 124 -25.50 4.05 20.66
N LEU A 125 -26.21 5.02 20.07
CA LEU A 125 -25.89 5.45 18.71
C LEU A 125 -24.50 6.05 18.64
N TRP A 126 -24.11 6.84 19.65
CA TRP A 126 -22.79 7.44 19.65
C TRP A 126 -21.69 6.38 19.69
N LEU A 127 -21.80 5.43 20.62
CA LEU A 127 -20.76 4.41 20.72
C LEU A 127 -20.72 3.53 19.46
N ALA A 128 -21.89 3.16 18.94
CA ALA A 128 -21.93 2.39 17.70
C ALA A 128 -21.23 3.14 16.57
N LEU A 129 -21.57 4.42 16.41
CA LEU A 129 -20.97 5.22 15.35
C LEU A 129 -19.45 5.31 15.52
N ASP A 130 -18.99 5.52 16.75
CA ASP A 130 -17.56 5.69 16.99
C ASP A 130 -16.79 4.40 16.70
N TYR A 131 -17.28 3.27 17.21
CA TYR A 131 -16.56 2.02 17.03
C TYR A 131 -16.64 1.53 15.58
N VAL A 132 -17.77 1.75 14.92
CA VAL A 132 -17.89 1.38 13.51
C VAL A 132 -16.95 2.21 12.65
N ALA A 133 -16.91 3.52 12.91
CA ALA A 133 -16.02 4.39 12.14
C ALA A 133 -14.56 4.04 12.36
N SER A 134 -14.18 3.79 13.61
CA SER A 134 -12.78 3.51 13.91
C SER A 134 -12.35 2.16 13.33
N GLN A 135 -13.16 1.11 13.55
CA GLN A 135 -12.85 -0.18 12.93
C GLN A 135 -12.80 -0.06 11.42
N ALA A 136 -13.65 0.81 10.85
CA ALA A 136 -13.56 1.08 9.42
C ALA A 136 -12.22 1.69 9.07
N SER A 137 -11.72 2.63 9.87
CA SER A 137 -10.42 3.23 9.61
C SER A 137 -9.33 2.15 9.59
N VAL A 138 -9.34 1.27 10.58
CA VAL A 138 -8.37 0.16 10.62
C VAL A 138 -8.50 -0.70 9.36
N MET A 139 -9.74 -1.02 8.98
CA MET A 139 -9.98 -1.90 7.84
C MET A 139 -9.49 -1.28 6.55
N ASN A 140 -9.66 0.04 6.41
CA ASN A 140 -9.15 0.74 5.23
C ASN A 140 -7.63 0.79 5.23
N LEU A 141 -7.00 0.90 6.39
CA LEU A 141 -5.55 0.76 6.45
C LEU A 141 -5.12 -0.61 5.94
N LEU A 142 -5.81 -1.66 6.38
CA LEU A 142 -5.51 -3.00 5.90
C LEU A 142 -5.70 -3.11 4.39
N LEU A 143 -6.82 -2.55 3.88
CA LEU A 143 -7.11 -2.62 2.45
C LEU A 143 -6.05 -1.90 1.63
N ILE A 144 -5.60 -0.74 2.09
CA ILE A 144 -4.54 -0.01 1.41
C ILE A 144 -3.24 -0.81 1.43
N SER A 145 -2.91 -1.39 2.58
CA SER A 145 -1.67 -2.16 2.69
C SER A 145 -1.66 -3.36 1.74
N PHE A 146 -2.77 -4.11 1.70
CA PHE A 146 -2.85 -5.25 0.79
C PHE A 146 -2.83 -4.80 -0.66
N ASP A 147 -3.55 -3.72 -0.99
CA ASP A 147 -3.57 -3.20 -2.35
C ASP A 147 -2.15 -2.89 -2.82
N ARG A 148 -1.39 -2.17 -1.99
CA ARG A 148 -0.02 -1.82 -2.34
C ARG A 148 0.86 -3.07 -2.45
N TYR A 149 0.67 -4.03 -1.55
CA TYR A 149 1.45 -5.26 -1.59
C TYR A 149 1.21 -6.03 -2.89
N PHE A 150 -0.05 -6.15 -3.31
CA PHE A 150 -0.33 -6.86 -4.55
C PHE A 150 0.11 -6.05 -5.77
N SER A 151 0.07 -4.72 -5.68
CA SER A 151 0.56 -3.89 -6.78
C SER A 151 2.05 -4.05 -6.98
N VAL A 152 2.81 -4.30 -5.91
CA VAL A 152 4.24 -4.51 -6.05
C VAL A 152 4.58 -5.95 -6.39
N THR A 153 3.94 -6.91 -5.73
CA THR A 153 4.34 -8.31 -5.90
C THR A 153 3.73 -8.96 -7.13
N ARG A 154 2.58 -8.48 -7.59
CA ARG A 154 1.96 -8.94 -8.83
C ARG A 154 1.80 -7.77 -9.78
N PRO A 155 2.89 -7.15 -10.23
CA PRO A 155 2.78 -5.88 -10.95
C PRO A 155 2.01 -5.94 -12.25
N LEU A 156 1.79 -7.13 -12.81
CA LEU A 156 1.09 -7.30 -14.07
C LEU A 156 -0.33 -7.83 -13.89
N SER A 157 -0.49 -8.92 -13.16
CA SER A 157 -1.80 -9.57 -13.04
C SER A 157 -2.75 -8.82 -12.12
N TYR A 158 -2.24 -8.19 -11.06
CA TYR A 158 -3.11 -7.46 -10.14
C TYR A 158 -3.50 -6.10 -10.72
N ARG A 159 -2.53 -5.38 -11.30
CA ARG A 159 -2.82 -4.09 -11.90
C ARG A 159 -3.89 -4.18 -12.98
N ALA A 160 -4.06 -5.35 -13.60
CA ALA A 160 -5.07 -5.50 -14.62
C ALA A 160 -6.49 -5.53 -14.06
N LYS A 161 -6.66 -5.83 -12.77
CA LYS A 161 -8.00 -5.94 -12.18
C LYS A 161 -8.26 -4.88 -11.13
N ARG A 162 -7.41 -3.85 -11.04
CA ARG A 162 -7.66 -2.73 -10.12
C ARG A 162 -8.63 -1.77 -10.79
N THR A 163 -9.84 -2.22 -10.91
CA THR A 163 -10.89 -1.44 -11.53
C THR A 163 -11.69 -0.68 -10.46
N PRO A 164 -12.28 0.45 -10.86
CA PRO A 164 -13.15 1.18 -9.93
C PRO A 164 -14.25 0.31 -9.32
N ARG A 165 -14.77 -0.65 -10.08
CA ARG A 165 -15.82 -1.52 -9.55
C ARG A 165 -15.31 -2.36 -8.39
N ARG A 166 -14.19 -3.05 -8.59
CA ARG A 166 -13.64 -3.89 -7.52
C ARG A 166 -13.23 -3.05 -6.32
N ALA A 167 -12.60 -1.90 -6.56
CA ALA A 167 -12.25 -1.01 -5.45
C ALA A 167 -13.48 -0.61 -4.65
N ALA A 168 -14.56 -0.22 -5.35
CA ALA A 168 -15.79 0.18 -4.65
C ALA A 168 -16.39 -0.99 -3.88
N LEU A 169 -16.37 -2.19 -4.46
CA LEU A 169 -16.91 -3.35 -3.77
C LEU A 169 -16.17 -3.63 -2.47
N MET A 170 -14.84 -3.64 -2.52
CA MET A 170 -14.09 -4.01 -1.33
C MET A 170 -14.08 -2.90 -0.28
N ILE A 171 -14.12 -1.63 -0.71
CA ILE A 171 -14.29 -0.55 0.26
C ILE A 171 -15.63 -0.68 0.97
N GLY A 172 -16.69 -0.86 0.18
CA GLY A 172 -18.02 -1.02 0.76
C GLY A 172 -18.10 -2.20 1.73
N LEU A 173 -17.44 -3.31 1.39
CA LEU A 173 -17.49 -4.48 2.26
C LEU A 173 -16.62 -4.33 3.50
N ALA A 174 -15.54 -3.55 3.41
CA ALA A 174 -14.80 -3.18 4.62
C ALA A 174 -15.72 -2.43 5.58
N TRP A 175 -16.44 -1.44 5.06
CA TRP A 175 -17.39 -0.72 5.92
C TRP A 175 -18.48 -1.66 6.45
N LEU A 176 -18.97 -2.58 5.60
CA LEU A 176 -20.00 -3.51 6.03
C LEU A 176 -19.52 -4.37 7.20
N VAL A 177 -18.29 -4.90 7.11
CA VAL A 177 -17.78 -5.77 8.16
C VAL A 177 -17.52 -4.98 9.44
N SER A 178 -17.09 -3.73 9.32
CA SER A 178 -16.97 -2.89 10.51
C SER A 178 -18.32 -2.75 11.20
N PHE A 179 -19.34 -2.33 10.44
CA PHE A 179 -20.67 -2.13 11.00
C PHE A 179 -21.20 -3.41 11.64
N VAL A 180 -21.10 -4.54 10.93
CA VAL A 180 -21.60 -5.80 11.47
C VAL A 180 -20.84 -6.18 12.73
N LEU A 181 -19.54 -5.91 12.75
CA LEU A 181 -18.73 -6.27 13.90
C LEU A 181 -19.10 -5.46 15.14
N TRP A 182 -19.57 -4.22 14.98
CA TRP A 182 -19.72 -3.41 16.19
C TRP A 182 -21.14 -2.95 16.51
N ALA A 183 -21.96 -2.61 15.50
CA ALA A 183 -23.26 -2.02 15.80
C ALA A 183 -24.24 -2.98 16.47
N PRO A 184 -24.46 -4.20 15.96
CA PRO A 184 -25.46 -5.09 16.61
C PRO A 184 -25.22 -5.31 18.09
N ALA A 185 -23.97 -5.64 18.46
CA ALA A 185 -23.68 -5.93 19.87
C ALA A 185 -23.72 -4.68 20.73
N ILE A 186 -23.36 -3.52 20.17
CA ILE A 186 -23.41 -2.29 20.96
C ILE A 186 -24.85 -1.89 21.25
N LEU A 187 -25.75 -2.11 20.30
CA LEU A 187 -27.11 -1.59 20.47
C LEU A 187 -28.09 -2.59 21.08
N PHE A 188 -27.97 -3.88 20.76
CA PHE A 188 -29.00 -4.85 21.09
C PHE A 188 -28.61 -5.84 22.19
N TRP A 189 -27.37 -5.77 22.68
CA TRP A 189 -26.95 -6.67 23.76
C TRP A 189 -27.79 -6.48 25.00
N GLN A 190 -28.30 -5.27 25.24
CA GLN A 190 -29.14 -5.02 26.41
C GLN A 190 -30.48 -5.74 26.29
N TYR A 191 -31.08 -5.71 25.10
CA TYR A 191 -32.34 -6.42 24.89
C TYR A 191 -32.13 -7.93 24.89
N LEU A 192 -30.99 -8.39 24.42
CA LEU A 192 -30.72 -9.83 24.42
C LEU A 192 -30.48 -10.33 25.84
N VAL A 193 -29.77 -9.55 26.67
CA VAL A 193 -29.53 -9.95 28.05
C VAL A 193 -30.81 -9.84 28.86
N GLY A 194 -31.60 -8.79 28.64
CA GLY A 194 -32.85 -8.56 29.33
C GLY A 194 -32.88 -7.28 30.15
N GLU A 195 -31.73 -6.68 30.43
CA GLU A 195 -31.69 -5.46 31.21
C GLU A 195 -30.49 -4.62 30.80
N ARG A 196 -30.58 -3.32 31.06
CA ARG A 196 -29.53 -2.35 30.73
C ARG A 196 -28.69 -2.12 31.98
N THR A 197 -27.42 -2.55 31.93
CA THR A 197 -26.55 -2.48 33.09
C THR A 197 -25.95 -1.10 33.29
N VAL A 198 -25.64 -0.38 32.21
CA VAL A 198 -24.95 0.90 32.31
C VAL A 198 -25.84 1.90 33.04
N LEU A 199 -25.25 2.60 34.01
CA LEU A 199 -25.99 3.47 34.91
C LEU A 199 -26.69 4.60 34.15
N ALA A 200 -27.73 5.14 34.76
CA ALA A 200 -28.39 6.33 34.23
C ALA A 200 -27.42 7.51 34.24
N GLY A 201 -27.42 8.27 33.14
CA GLY A 201 -26.50 9.37 32.97
C GLY A 201 -25.12 9.00 32.48
N GLN A 202 -24.77 7.71 32.50
CA GLN A 202 -23.47 7.25 32.03
C GLN A 202 -23.63 6.59 30.67
N CYS A 203 -22.49 6.38 30.01
CA CYS A 203 -22.50 5.87 28.63
C CYS A 203 -21.23 5.06 28.37
N TYR A 204 -21.37 3.74 28.29
CA TYR A 204 -20.28 2.87 27.87
C TYR A 204 -20.89 1.60 27.27
N ILE A 205 -20.02 0.71 26.79
CA ILE A 205 -20.45 -0.52 26.13
C ILE A 205 -20.70 -1.57 27.20
N GLN A 206 -21.84 -2.25 27.09
CA GLN A 206 -22.24 -3.19 28.15
C GLN A 206 -21.54 -4.54 28.02
N PHE A 207 -21.32 -5.02 26.79
CA PHE A 207 -20.80 -6.38 26.64
C PHE A 207 -19.30 -6.48 26.85
N LEU A 208 -18.59 -5.36 26.97
CA LEU A 208 -17.17 -5.38 27.34
C LEU A 208 -17.02 -5.32 28.85
N SER A 209 -17.67 -6.28 29.51
CA SER A 209 -17.69 -6.32 30.97
C SER A 209 -16.29 -6.60 31.52
N GLN A 210 -15.65 -7.71 31.06
CA GLN A 210 -14.40 -8.13 31.67
C GLN A 210 -13.19 -7.61 30.88
N PRO A 211 -12.14 -7.23 31.59
CA PRO A 211 -10.91 -6.77 30.91
C PRO A 211 -10.35 -7.79 29.94
N ILE A 212 -10.52 -9.08 30.22
CA ILE A 212 -10.03 -10.10 29.30
C ILE A 212 -10.90 -10.14 28.06
N ILE A 213 -12.21 -9.92 28.21
CA ILE A 213 -13.09 -9.74 27.06
C ILE A 213 -12.56 -8.61 26.18
N THR A 214 -12.43 -7.40 26.75
CA THR A 214 -12.05 -6.26 25.91
C THR A 214 -10.64 -6.40 25.35
N PHE A 215 -9.78 -7.21 25.98
CA PHE A 215 -8.44 -7.41 25.43
C PHE A 215 -8.43 -8.43 24.30
N GLY A 216 -9.28 -9.46 24.38
CA GLY A 216 -9.49 -10.31 23.21
C GLY A 216 -9.98 -9.52 22.01
N THR A 217 -11.01 -8.67 22.24
CA THR A 217 -11.48 -7.82 21.14
C THR A 217 -10.40 -6.85 20.68
N ALA A 218 -9.53 -6.40 21.60
CA ALA A 218 -8.43 -5.53 21.21
C ALA A 218 -7.43 -6.27 20.34
N MET A 219 -7.25 -7.57 20.56
CA MET A 219 -6.36 -8.34 19.69
C MET A 219 -6.97 -8.51 18.30
N ALA A 220 -8.23 -8.93 18.24
CA ALA A 220 -8.86 -9.12 16.93
C ALA A 220 -8.93 -7.82 16.15
N ALA A 221 -9.25 -6.72 16.82
CA ALA A 221 -9.56 -5.46 16.17
C ALA A 221 -8.34 -4.58 15.92
N PHE A 222 -7.31 -4.67 16.75
CA PHE A 222 -6.18 -3.75 16.65
C PHE A 222 -4.85 -4.48 16.45
N TYR A 223 -4.47 -5.37 17.36
CA TYR A 223 -3.12 -5.93 17.35
C TYR A 223 -2.84 -6.73 16.08
N LEU A 224 -3.75 -7.64 15.72
CA LEU A 224 -3.56 -8.42 14.51
C LEU A 224 -3.56 -7.56 13.25
N PRO A 225 -4.47 -6.59 13.06
CA PRO A 225 -4.32 -5.68 11.92
C PRO A 225 -3.00 -4.93 11.91
N VAL A 226 -2.53 -4.46 13.06
CA VAL A 226 -1.26 -3.72 13.10
C VAL A 226 -0.11 -4.62 12.65
N THR A 227 -0.06 -5.85 13.18
CA THR A 227 1.02 -6.76 12.81
C THR A 227 0.96 -7.10 11.32
N VAL A 228 -0.23 -7.37 10.79
CA VAL A 228 -0.36 -7.65 9.36
C VAL A 228 0.13 -6.46 8.54
N MET A 229 -0.26 -5.24 8.95
CA MET A 229 0.18 -4.04 8.23
C MET A 229 1.69 -3.90 8.23
N CYS A 230 2.32 -4.09 9.40
CA CYS A 230 3.77 -3.94 9.48
C CYS A 230 4.49 -5.00 8.64
N THR A 231 4.06 -6.26 8.75
CA THR A 231 4.69 -7.33 7.98
C THR A 231 4.57 -7.07 6.48
N LEU A 232 3.39 -6.65 6.03
CA LEU A 232 3.26 -6.17 4.66
C LEU A 232 4.30 -5.09 4.36
N TYR A 233 4.14 -3.91 4.95
CA TYR A 233 5.06 -2.79 4.77
C TYR A 233 6.52 -3.23 4.57
N TRP A 234 7.03 -4.07 5.47
CA TRP A 234 8.38 -4.58 5.31
C TRP A 234 8.51 -5.43 4.05
N ARG A 235 7.53 -6.30 3.79
CA ARG A 235 7.57 -7.12 2.58
C ARG A 235 7.64 -6.26 1.32
N ILE A 236 6.89 -5.15 1.26
CA ILE A 236 7.04 -4.27 0.12
C ILE A 236 8.44 -3.65 0.09
N TYR A 237 8.98 -3.30 1.27
CA TYR A 237 10.34 -2.78 1.29
C TYR A 237 11.33 -3.75 0.66
N ARG A 238 11.07 -5.05 0.76
CA ARG A 238 11.98 -6.06 0.25
C ARG A 238 11.62 -6.59 -1.14
N GLU A 239 10.60 -6.02 -1.79
CA GLU A 239 10.14 -6.52 -3.09
C GLU A 239 10.15 -5.48 -4.20
N THR A 240 10.31 -4.19 -3.86
CA THR A 240 10.32 -3.15 -4.88
C THR A 240 11.42 -3.40 -5.91
N GLU A 241 12.59 -3.89 -5.48
CA GLU A 241 13.67 -4.15 -6.42
C GLU A 241 13.27 -5.21 -7.45
N ASN A 242 12.68 -6.31 -6.99
CA ASN A 242 12.23 -7.35 -7.92
C ASN A 242 11.15 -6.83 -8.86
N ARG A 243 10.25 -5.96 -8.37
CA ARG A 243 9.27 -5.37 -9.28
C ARG A 243 9.95 -4.50 -10.33
N ASN A 244 10.94 -3.71 -9.94
CA ASN A 244 11.64 -2.88 -10.90
C ASN A 244 12.35 -3.73 -11.95
N ILE A 245 12.91 -4.87 -11.54
CA ILE A 245 13.52 -5.77 -12.51
C ILE A 245 12.46 -6.31 -13.47
N PHE A 246 11.31 -6.71 -12.94
CA PHE A 246 10.23 -7.22 -13.77
C PHE A 246 9.80 -6.19 -14.81
N GLU A 247 9.58 -4.94 -14.38
CA GLU A 247 9.12 -3.91 -15.29
C GLU A 247 10.18 -3.54 -16.32
N MET A 248 11.45 -3.49 -15.89
CA MET A 248 12.54 -3.25 -16.84
C MET A 248 12.54 -4.29 -17.94
N LEU A 249 12.49 -5.58 -17.57
CA LEU A 249 12.54 -6.63 -18.58
C LEU A 249 11.25 -6.70 -19.40
N ARG A 250 10.13 -6.24 -18.85
CA ARG A 250 8.91 -6.18 -19.66
C ARG A 250 8.99 -5.05 -20.68
N ILE A 251 9.62 -3.93 -20.30
CA ILE A 251 9.85 -2.85 -21.26
C ILE A 251 10.75 -3.32 -22.39
N ASP A 252 11.83 -4.05 -22.05
CA ASP A 252 12.81 -4.38 -23.08
C ASP A 252 12.39 -5.58 -23.93
N GLU A 253 11.74 -6.57 -23.33
CA GLU A 253 11.40 -7.79 -24.05
C GLU A 253 9.95 -7.88 -24.49
N GLY A 254 9.07 -7.05 -23.95
CA GLY A 254 7.67 -7.07 -24.32
C GLY A 254 6.88 -8.11 -23.55
N LEU A 255 5.58 -8.15 -23.84
CA LEU A 255 4.66 -9.09 -23.20
C LEU A 255 3.63 -9.55 -24.22
N ARG A 256 3.65 -10.84 -24.53
CA ARG A 256 2.62 -11.46 -25.36
C ARG A 256 2.11 -12.70 -24.64
N LEU A 257 0.79 -12.83 -24.54
CA LEU A 257 0.15 -14.00 -23.96
C LEU A 257 -0.19 -15.06 -24.99
N LYS A 258 -0.06 -14.74 -26.27
CA LYS A 258 -0.14 -15.69 -27.36
C LYS A 258 1.24 -15.88 -27.98
N ILE A 259 1.56 -17.11 -28.38
CA ILE A 259 2.92 -17.45 -28.78
C ILE A 259 3.28 -16.72 -30.07
N TYR A 260 4.52 -16.23 -30.14
CA TYR A 260 5.00 -15.54 -31.32
C TYR A 260 6.41 -16.03 -31.66
N LYS A 261 6.87 -15.69 -32.87
CA LYS A 261 8.20 -16.06 -33.33
C LYS A 261 9.15 -14.89 -33.13
N ASP A 262 10.30 -15.15 -32.51
CA ASP A 262 11.20 -14.10 -32.08
C ASP A 262 12.11 -13.62 -33.19
N THR A 263 13.23 -12.99 -32.80
CA THR A 263 14.19 -12.47 -33.76
C THR A 263 14.72 -13.57 -34.67
N GLU A 264 15.23 -14.65 -34.07
CA GLU A 264 15.81 -15.74 -34.83
C GLU A 264 14.77 -16.66 -35.45
N GLY A 265 13.56 -16.71 -34.90
CA GLY A 265 12.50 -17.49 -35.49
C GLY A 265 11.85 -18.49 -34.56
N TYR A 266 12.47 -18.76 -33.41
CA TYR A 266 11.95 -19.75 -32.49
C TYR A 266 10.71 -19.23 -31.77
N TYR A 267 9.99 -20.15 -31.13
CA TYR A 267 8.69 -19.85 -30.53
C TYR A 267 8.86 -19.41 -29.08
N THR A 268 8.29 -18.23 -28.77
CA THR A 268 8.41 -17.63 -27.45
C THR A 268 7.03 -17.16 -26.96
N ILE A 269 6.92 -17.06 -25.63
CA ILE A 269 5.69 -16.71 -24.92
C ILE A 269 6.06 -15.83 -23.73
N GLY A 270 5.07 -15.09 -23.24
CA GLY A 270 5.26 -14.33 -22.01
C GLY A 270 6.23 -13.17 -22.19
N ILE A 271 7.07 -12.96 -21.19
CA ILE A 271 8.09 -11.89 -21.24
C ILE A 271 9.38 -12.54 -21.68
N GLY A 272 9.48 -12.80 -23.00
CA GLY A 272 10.69 -13.34 -23.58
C GLY A 272 11.03 -14.75 -23.19
N HIS A 273 10.05 -15.55 -22.79
CA HIS A 273 10.30 -16.95 -22.43
C HIS A 273 10.34 -17.79 -23.71
N LEU A 274 11.52 -18.25 -24.08
CA LEU A 274 11.65 -19.13 -25.25
C LEU A 274 11.26 -20.54 -24.88
N LEU A 275 10.39 -21.15 -25.69
CA LEU A 275 9.87 -22.49 -25.40
C LEU A 275 10.81 -23.57 -25.94
N THR A 276 11.09 -23.55 -27.24
CA THR A 276 11.90 -24.57 -27.87
C THR A 276 12.31 -24.07 -29.25
N LYS A 277 13.56 -24.36 -29.64
CA LYS A 277 14.10 -23.94 -30.92
C LYS A 277 13.62 -24.79 -32.09
N SER A 278 12.87 -25.87 -31.82
CA SER A 278 12.33 -26.70 -32.88
C SER A 278 11.32 -25.90 -33.71
N PRO A 279 11.07 -26.33 -34.95
CA PRO A 279 10.18 -25.55 -35.83
C PRO A 279 8.71 -25.91 -35.70
N SER A 280 8.35 -26.83 -34.81
CA SER A 280 6.99 -27.34 -34.73
C SER A 280 6.17 -26.51 -33.75
N LEU A 281 5.14 -25.83 -34.29
CA LEU A 281 4.24 -24.99 -33.50
C LEU A 281 3.58 -25.74 -32.35
N ASN A 282 3.60 -27.08 -32.37
CA ASN A 282 3.11 -27.87 -31.26
C ASN A 282 4.21 -28.50 -30.44
N ALA A 283 5.43 -28.63 -30.97
CA ALA A 283 6.57 -28.88 -30.12
C ALA A 283 6.76 -27.73 -29.15
N ALA A 284 6.37 -26.51 -29.55
CA ALA A 284 6.35 -25.40 -28.60
C ALA A 284 5.23 -25.57 -27.58
N LYS A 285 4.02 -25.89 -28.05
CA LYS A 285 2.86 -25.91 -27.17
C LYS A 285 2.93 -27.04 -26.14
N SER A 286 3.55 -28.17 -26.50
CA SER A 286 3.73 -29.25 -25.53
C SER A 286 4.59 -28.79 -24.36
N GLU A 287 5.71 -28.13 -24.66
CA GLU A 287 6.57 -27.59 -23.61
C GLU A 287 5.88 -26.47 -22.85
N LEU A 288 4.98 -25.74 -23.50
CA LEU A 288 4.20 -24.72 -22.79
C LEU A 288 3.31 -25.37 -21.74
N ASP A 289 2.54 -26.39 -22.16
CA ASP A 289 1.67 -27.10 -21.22
C ASP A 289 2.48 -27.74 -20.10
N LYS A 290 3.66 -28.28 -20.42
CA LYS A 290 4.52 -28.83 -19.38
C LYS A 290 5.04 -27.74 -18.44
N ALA A 291 5.22 -26.52 -18.95
CA ALA A 291 5.78 -25.45 -18.15
C ALA A 291 4.76 -24.86 -17.19
N ILE A 292 3.51 -24.73 -17.63
CA ILE A 292 2.48 -24.15 -16.78
C ILE A 292 1.80 -25.24 -15.95
N GLY A 293 1.20 -26.21 -16.62
CA GLY A 293 0.55 -27.30 -15.92
C GLY A 293 -0.89 -27.53 -16.35
N ARG A 294 -1.23 -27.04 -17.53
CA ARG A 294 -2.57 -27.23 -18.08
C ARG A 294 -2.49 -27.17 -19.60
N ASN A 295 -3.55 -27.62 -20.26
CA ASN A 295 -3.63 -27.52 -21.71
C ASN A 295 -3.71 -26.06 -22.11
N THR A 296 -2.55 -25.45 -22.38
CA THR A 296 -2.50 -24.00 -22.59
C THR A 296 -3.18 -23.59 -23.90
N ASN A 297 -3.14 -24.45 -24.92
CA ASN A 297 -3.65 -24.17 -26.25
C ASN A 297 -2.98 -22.96 -26.90
N GLY A 298 -1.87 -22.48 -26.35
CA GLY A 298 -1.12 -21.39 -26.92
C GLY A 298 -1.27 -20.06 -26.21
N VAL A 299 -2.24 -19.92 -25.31
CA VAL A 299 -2.53 -18.66 -24.64
C VAL A 299 -2.44 -18.86 -23.14
N ILE A 300 -1.84 -17.90 -22.45
CA ILE A 300 -1.62 -17.96 -21.00
C ILE A 300 -2.25 -16.72 -20.36
N THR A 301 -2.38 -16.79 -19.03
CA THR A 301 -2.82 -15.65 -18.25
C THR A 301 -1.62 -14.78 -17.86
N LYS A 302 -1.92 -13.56 -17.39
CA LYS A 302 -0.84 -12.64 -17.02
C LYS A 302 -0.11 -13.09 -15.77
N ASP A 303 -0.80 -13.77 -14.85
CA ASP A 303 -0.12 -14.34 -13.69
C ASP A 303 0.69 -15.58 -14.04
N GLU A 304 0.30 -16.30 -15.10
CA GLU A 304 1.17 -17.35 -15.63
C GLU A 304 2.39 -16.77 -16.30
N ALA A 305 2.24 -15.62 -16.95
CA ALA A 305 3.41 -14.90 -17.47
C ALA A 305 4.29 -14.38 -16.35
N GLU A 306 3.69 -14.02 -15.21
CA GLU A 306 4.48 -13.63 -14.05
C GLU A 306 5.24 -14.82 -13.48
N LYS A 307 4.58 -15.98 -13.40
CA LYS A 307 5.26 -17.18 -12.91
C LYS A 307 6.41 -17.56 -13.84
N LEU A 308 6.16 -17.55 -15.16
CA LEU A 308 7.22 -17.84 -16.12
C LEU A 308 8.35 -16.84 -16.03
N PHE A 309 8.03 -15.58 -15.76
CA PHE A 309 9.10 -14.59 -15.63
C PHE A 309 9.92 -14.84 -14.36
N ASN A 310 9.25 -15.19 -13.27
CA ASN A 310 9.99 -15.47 -12.04
C ASN A 310 10.92 -16.68 -12.20
N GLN A 311 10.45 -17.77 -12.82
CA GLN A 311 11.37 -18.88 -13.07
C GLN A 311 12.54 -18.43 -13.95
N ASP A 312 12.25 -17.66 -15.01
CA ASP A 312 13.32 -17.22 -15.89
C ASP A 312 14.36 -16.38 -15.17
N VAL A 313 13.93 -15.36 -14.42
CA VAL A 313 14.89 -14.44 -13.82
C VAL A 313 15.69 -15.13 -12.70
N ASP A 314 15.03 -16.01 -11.93
CA ASP A 314 15.78 -16.75 -10.92
C ASP A 314 16.81 -17.67 -11.56
N ALA A 315 16.47 -18.29 -12.69
CA ALA A 315 17.46 -19.07 -13.43
C ALA A 315 18.61 -18.18 -13.90
N ALA A 316 18.31 -16.96 -14.33
CA ALA A 316 19.34 -16.05 -14.82
C ALA A 316 20.34 -15.70 -13.72
N VAL A 317 19.85 -15.32 -12.54
CA VAL A 317 20.75 -14.90 -11.47
C VAL A 317 21.50 -16.11 -10.89
N ARG A 318 20.78 -17.21 -10.65
CA ARG A 318 21.45 -18.42 -10.17
C ARG A 318 22.59 -18.82 -11.09
N GLY A 319 22.34 -18.81 -12.40
CA GLY A 319 23.41 -19.08 -13.34
C GLY A 319 24.53 -18.06 -13.25
N ILE A 320 24.18 -16.78 -13.11
CA ILE A 320 25.21 -15.74 -12.97
C ILE A 320 26.14 -16.05 -11.81
N LEU A 321 25.56 -16.39 -10.66
CA LEU A 321 26.37 -16.74 -9.49
C LEU A 321 27.10 -18.06 -9.68
N ARG A 322 26.67 -18.91 -10.62
CA ARG A 322 27.44 -20.11 -10.93
C ARG A 322 28.60 -19.82 -11.88
N ASN A 323 28.49 -18.79 -12.71
CA ASN A 323 29.50 -18.50 -13.72
C ASN A 323 30.67 -17.74 -13.09
N ALA A 324 31.89 -18.21 -13.35
CA ALA A 324 33.07 -17.66 -12.69
C ALA A 324 33.41 -16.27 -13.21
N LYS A 325 33.06 -15.96 -14.45
CA LYS A 325 33.40 -14.64 -14.99
C LYS A 325 32.42 -13.57 -14.52
N LEU A 326 31.12 -13.86 -14.48
CA LEU A 326 30.13 -12.83 -14.17
C LEU A 326 29.94 -12.62 -12.67
N LYS A 327 30.17 -13.65 -11.86
CA LYS A 327 29.94 -13.52 -10.42
C LYS A 327 30.73 -12.39 -9.75
N PRO A 328 32.02 -12.15 -10.05
CA PRO A 328 32.72 -11.04 -9.37
C PRO A 328 32.09 -9.68 -9.62
N VAL A 329 31.79 -9.35 -10.89
CA VAL A 329 31.24 -8.04 -11.20
C VAL A 329 29.81 -7.91 -10.68
N TYR A 330 29.01 -8.98 -10.82
CA TYR A 330 27.67 -8.95 -10.26
C TYR A 330 27.71 -8.68 -8.76
N ASP A 331 28.62 -9.36 -8.06
CA ASP A 331 28.78 -9.11 -6.63
C ASP A 331 29.20 -7.67 -6.36
N SER A 332 30.08 -7.12 -7.21
CA SER A 332 30.59 -5.78 -6.98
C SER A 332 29.56 -4.69 -7.29
N LEU A 333 28.52 -5.01 -8.07
CA LEU A 333 27.56 -4.00 -8.50
C LEU A 333 26.46 -3.77 -7.47
N ASP A 334 25.89 -2.57 -7.50
CA ASP A 334 24.71 -2.23 -6.73
C ASP A 334 23.48 -2.86 -7.37
N ALA A 335 22.30 -2.61 -6.77
CA ALA A 335 21.10 -3.33 -7.17
C ALA A 335 20.69 -2.98 -8.60
N VAL A 336 20.71 -1.70 -8.95
CA VAL A 336 20.21 -1.26 -10.25
C VAL A 336 21.11 -1.80 -11.37
N ARG A 337 22.42 -1.67 -11.21
CA ARG A 337 23.33 -2.18 -12.23
C ARG A 337 23.33 -3.71 -12.27
N ARG A 338 23.14 -4.35 -11.12
CA ARG A 338 22.84 -5.78 -11.10
C ARG A 338 21.65 -6.09 -11.99
N ALA A 339 20.63 -5.22 -11.97
CA ALA A 339 19.47 -5.41 -12.84
C ALA A 339 19.85 -5.22 -14.31
N ALA A 340 20.74 -4.28 -14.60
CA ALA A 340 21.18 -4.12 -16.00
C ALA A 340 21.90 -5.37 -16.50
N LEU A 341 22.80 -5.94 -15.68
CA LEU A 341 23.50 -7.14 -16.10
C LEU A 341 22.55 -8.33 -16.21
N ILE A 342 21.60 -8.45 -15.28
CA ILE A 342 20.55 -9.46 -15.41
C ILE A 342 19.81 -9.28 -16.74
N ASN A 343 19.57 -8.03 -17.13
CA ASN A 343 18.95 -7.75 -18.42
C ASN A 343 19.78 -8.32 -19.56
N MET A 344 21.09 -8.05 -19.56
CA MET A 344 21.95 -8.54 -20.63
C MET A 344 21.97 -10.08 -20.66
N VAL A 345 22.01 -10.71 -19.49
CA VAL A 345 22.01 -12.17 -19.44
C VAL A 345 20.69 -12.71 -19.97
N PHE A 346 19.59 -12.04 -19.65
CA PHE A 346 18.28 -12.41 -20.17
C PHE A 346 18.27 -12.35 -21.70
N GLN A 347 18.93 -11.34 -22.27
CA GLN A 347 18.88 -11.16 -23.73
C GLN A 347 19.84 -12.10 -24.46
N MET A 348 21.06 -12.25 -23.96
CA MET A 348 22.14 -12.87 -24.73
C MET A 348 22.68 -14.18 -24.15
N GLY A 349 22.34 -14.52 -22.92
CA GLY A 349 22.93 -15.69 -22.29
C GLY A 349 24.28 -15.39 -21.68
N GLU A 350 24.70 -16.29 -20.79
CA GLU A 350 25.86 -16.02 -19.95
C GLU A 350 27.16 -16.02 -20.74
N THR A 351 27.31 -16.96 -21.67
CA THR A 351 28.50 -16.95 -22.52
C THR A 351 28.58 -15.66 -23.31
N GLY A 352 27.47 -15.24 -23.91
CA GLY A 352 27.46 -14.01 -24.68
C GLY A 352 27.79 -12.78 -23.85
N VAL A 353 27.26 -12.70 -22.63
CA VAL A 353 27.58 -11.57 -21.76
C VAL A 353 29.04 -11.62 -21.32
N ALA A 354 29.53 -12.81 -20.99
CA ALA A 354 30.93 -12.98 -20.62
C ALA A 354 31.86 -12.60 -21.76
N GLY A 355 31.37 -12.63 -23.01
CA GLY A 355 32.16 -12.15 -24.13
C GLY A 355 32.53 -10.69 -24.05
N PHE A 356 31.82 -9.90 -23.24
CA PHE A 356 32.12 -8.48 -23.07
C PHE A 356 33.25 -8.30 -22.05
N THR A 357 34.41 -8.88 -22.36
CA THR A 357 35.49 -8.99 -21.39
C THR A 357 35.88 -7.65 -20.78
N ASN A 358 36.38 -6.73 -21.62
CA ASN A 358 36.92 -5.47 -21.12
C ASN A 358 35.83 -4.58 -20.54
N SER A 359 34.64 -4.58 -21.15
CA SER A 359 33.55 -3.78 -20.60
C SER A 359 33.12 -4.29 -19.23
N LEU A 360 33.16 -5.61 -19.03
CA LEU A 360 32.83 -6.17 -17.73
C LEU A 360 33.88 -5.80 -16.69
N ARG A 361 35.17 -5.81 -17.07
CA ARG A 361 36.19 -5.36 -16.13
C ARG A 361 36.02 -3.88 -15.79
N MET A 362 35.73 -3.05 -16.79
CA MET A 362 35.47 -1.64 -16.51
C MET A 362 34.28 -1.46 -15.58
N LEU A 363 33.27 -2.33 -15.72
CA LEU A 363 32.17 -2.33 -14.76
C LEU A 363 32.65 -2.67 -13.36
N GLN A 364 33.53 -3.67 -13.25
CA GLN A 364 34.09 -4.02 -11.94
C GLN A 364 34.94 -2.90 -11.36
N GLN A 365 35.50 -2.04 -12.21
CA GLN A 365 36.34 -0.94 -11.78
C GLN A 365 35.56 0.37 -11.62
N LYS A 366 34.23 0.31 -11.74
CA LYS A 366 33.36 1.48 -11.62
C LYS A 366 33.70 2.56 -12.64
N ARG A 367 34.26 2.16 -13.78
CA ARG A 367 34.57 3.09 -14.87
C ARG A 367 33.33 3.15 -15.78
N TRP A 368 32.33 3.89 -15.31
CA TRP A 368 31.00 3.82 -15.93
C TRP A 368 30.99 4.40 -17.33
N ASP A 369 31.58 5.58 -17.51
CA ASP A 369 31.56 6.24 -18.82
C ASP A 369 32.35 5.44 -19.85
N GLU A 370 33.53 4.96 -19.48
CA GLU A 370 34.34 4.16 -20.40
C GLU A 370 33.66 2.84 -20.72
N ALA A 371 32.96 2.25 -19.74
CA ALA A 371 32.22 1.02 -20.01
C ALA A 371 31.07 1.28 -20.97
N ALA A 372 30.36 2.39 -20.79
CA ALA A 372 29.31 2.76 -21.73
C ALA A 372 29.85 2.89 -23.15
N VAL A 373 30.90 3.71 -23.31
CA VAL A 373 31.50 3.89 -24.64
C VAL A 373 31.92 2.56 -25.23
N ASN A 374 32.51 1.68 -24.40
CA ASN A 374 33.01 0.40 -24.92
C ASN A 374 31.87 -0.50 -25.35
N LEU A 375 30.81 -0.60 -24.55
CA LEU A 375 29.66 -1.39 -24.95
C LEU A 375 28.99 -0.84 -26.20
N ALA A 376 29.17 0.46 -26.47
CA ALA A 376 28.64 1.02 -27.70
C ALA A 376 29.36 0.50 -28.95
N LYS A 377 30.54 -0.13 -28.80
CA LYS A 377 31.24 -0.70 -29.95
C LYS A 377 30.65 -2.03 -30.40
N SER A 378 29.75 -2.62 -29.62
CA SER A 378 29.40 -4.01 -29.81
C SER A 378 28.32 -4.19 -30.89
N ARG A 379 28.36 -5.38 -31.50
CA ARG A 379 27.28 -5.78 -32.40
C ARG A 379 25.95 -5.79 -31.68
N TRP A 380 25.92 -6.24 -30.42
CA TRP A 380 24.73 -6.12 -29.59
C TRP A 380 24.14 -4.72 -29.70
N TYR A 381 24.98 -3.71 -29.48
CA TYR A 381 24.56 -2.32 -29.61
C TYR A 381 24.11 -2.00 -31.03
N ASN A 382 24.73 -2.59 -32.04
CA ASN A 382 24.34 -2.26 -33.41
C ASN A 382 23.07 -2.98 -33.87
N GLN A 383 22.68 -4.06 -33.19
CA GLN A 383 21.54 -4.89 -33.60
C GLN A 383 20.28 -4.52 -32.83
N THR A 384 20.40 -4.25 -31.52
CA THR A 384 19.28 -3.78 -30.71
C THR A 384 19.68 -2.48 -30.02
N PRO A 385 19.88 -1.40 -30.79
CA PRO A 385 20.39 -0.16 -30.19
C PRO A 385 19.46 0.47 -29.18
N ASN A 386 18.14 0.42 -29.40
CA ASN A 386 17.23 1.11 -28.48
C ASN A 386 17.26 0.48 -27.09
N ARG A 387 17.31 -0.85 -27.01
CA ARG A 387 17.43 -1.51 -25.71
C ARG A 387 18.83 -1.37 -25.15
N ALA A 388 19.85 -1.56 -25.99
CA ALA A 388 21.23 -1.46 -25.54
C ALA A 388 21.55 -0.10 -24.96
N LYS A 389 20.95 0.97 -25.49
CA LYS A 389 21.21 2.29 -24.95
C LYS A 389 20.55 2.49 -23.60
N ARG A 390 19.37 1.90 -23.39
CA ARG A 390 18.75 1.94 -22.07
C ARG A 390 19.59 1.18 -21.05
N VAL A 391 19.99 -0.05 -21.39
CA VAL A 391 20.85 -0.82 -20.49
C VAL A 391 22.13 -0.06 -20.18
N ILE A 392 22.73 0.55 -21.22
CA ILE A 392 23.98 1.28 -21.04
C ILE A 392 23.79 2.48 -20.12
N THR A 393 22.67 3.21 -20.28
CA THR A 393 22.39 4.32 -19.38
C THR A 393 22.21 3.83 -17.95
N THR A 394 21.58 2.66 -17.78
CA THR A 394 21.45 2.07 -16.45
C THR A 394 22.82 1.78 -15.84
N PHE A 395 23.74 1.26 -16.65
CA PHE A 395 25.10 1.02 -16.17
C PHE A 395 25.80 2.33 -15.80
N ARG A 396 25.63 3.36 -16.63
CA ARG A 396 26.38 4.60 -16.44
C ARG A 396 25.90 5.37 -15.23
N THR A 397 24.58 5.46 -15.04
CA THR A 397 24.02 6.29 -13.98
C THR A 397 23.71 5.52 -12.70
N GLY A 398 23.47 4.21 -12.79
CA GLY A 398 23.03 3.48 -11.63
C GLY A 398 21.62 3.79 -11.18
N THR A 399 20.83 4.44 -12.03
CA THR A 399 19.44 4.76 -11.74
C THR A 399 18.53 4.09 -12.77
N TRP A 400 17.23 4.28 -12.57
CA TRP A 400 16.20 3.74 -13.47
C TRP A 400 15.73 4.76 -14.50
N ASP A 401 16.50 5.86 -14.70
CA ASP A 401 16.01 6.98 -15.49
C ASP A 401 15.67 6.58 -16.92
N ALA A 402 16.43 5.63 -17.49
CA ALA A 402 16.15 5.18 -18.85
C ALA A 402 14.88 4.35 -18.97
N TYR A 403 14.33 3.89 -17.85
CA TYR A 403 13.15 3.03 -17.87
C TYR A 403 11.92 3.68 -17.24
N PHE A 404 12.06 4.24 -16.04
CA PHE A 404 10.92 4.88 -15.40
C PHE A 404 11.39 5.81 -14.29
N SER A 405 10.54 6.79 -13.98
CA SER A 405 10.71 7.67 -12.84
C SER A 405 9.82 7.19 -11.70
N LEU A 406 10.39 7.18 -10.48
CA LEU A 406 9.68 6.67 -9.31
C LEU A 406 9.47 7.75 -8.25
N VAL A 407 9.49 9.02 -8.65
CA VAL A 407 9.36 10.12 -7.70
C VAL A 407 8.00 10.08 -7.01
N LYS A 408 6.93 10.11 -7.80
CA LYS A 408 5.57 10.11 -7.25
C LYS A 408 5.34 8.89 -6.36
N GLU A 409 5.92 7.75 -6.73
CA GLU A 409 5.72 6.54 -5.94
C GLU A 409 6.46 6.62 -4.61
N LYS A 410 7.70 7.13 -4.63
CA LYS A 410 8.43 7.30 -3.38
C LYS A 410 7.72 8.25 -2.43
N LYS A 411 7.18 9.35 -2.97
CA LYS A 411 6.44 10.28 -2.11
C LYS A 411 5.14 9.64 -1.59
N ALA A 412 4.48 8.82 -2.42
CA ALA A 412 3.32 8.08 -1.93
C ALA A 412 3.71 7.15 -0.79
N ALA A 413 4.89 6.53 -0.88
CA ALA A 413 5.39 5.71 0.22
C ALA A 413 5.60 6.54 1.48
N ARG A 414 6.18 7.74 1.33
CA ARG A 414 6.34 8.62 2.48
C ARG A 414 5.00 8.98 3.12
N THR A 415 4.00 9.28 2.28
CA THR A 415 2.67 9.59 2.79
C THR A 415 2.10 8.41 3.59
N LEU A 416 2.12 7.21 3.01
CA LEU A 416 1.55 6.06 3.69
C LEU A 416 2.27 5.76 5.00
N SER A 417 3.60 5.84 4.99
CA SER A 417 4.37 5.60 6.21
C SER A 417 4.01 6.62 7.29
N ALA A 418 3.86 7.88 6.90
CA ALA A 418 3.41 8.90 7.85
C ALA A 418 2.06 8.53 8.46
N ILE A 419 1.11 8.14 7.60
CA ILE A 419 -0.25 7.83 8.08
C ILE A 419 -0.22 6.67 9.07
N LEU A 420 0.46 5.57 8.70
CA LEU A 420 0.46 4.40 9.57
C LEU A 420 1.23 4.64 10.87
N LEU A 421 2.29 5.44 10.82
CA LEU A 421 3.03 5.72 12.06
C LEU A 421 2.20 6.58 13.00
N ALA A 422 1.52 7.59 12.46
CA ALA A 422 0.56 8.37 13.24
C ALA A 422 -0.50 7.48 13.87
N PHE A 423 -1.06 6.56 13.08
CA PHE A 423 -2.01 5.58 13.61
C PHE A 423 -1.42 4.82 14.78
N ILE A 424 -0.22 4.24 14.59
CA ILE A 424 0.35 3.35 15.60
C ILE A 424 0.57 4.10 16.91
N LEU A 425 1.13 5.31 16.84
CA LEU A 425 1.48 6.00 18.08
C LEU A 425 0.27 6.63 18.75
N THR A 426 -0.71 7.11 17.97
CA THR A 426 -1.89 7.68 18.62
C THR A 426 -2.84 6.61 19.15
N TRP A 427 -2.78 5.38 18.61
CA TRP A 427 -3.66 4.31 19.06
C TRP A 427 -3.01 3.32 20.00
N THR A 428 -1.68 3.28 20.06
CA THR A 428 -1.00 2.25 20.84
C THR A 428 -1.17 2.44 22.35
N PRO A 429 -1.07 3.65 22.92
CA PRO A 429 -1.22 3.78 24.38
C PRO A 429 -2.49 3.18 24.95
N TYR A 430 -3.63 3.38 24.27
CA TYR A 430 -4.89 2.84 24.77
C TYR A 430 -4.86 1.31 24.81
N ASN A 431 -4.43 0.68 23.73
CA ASN A 431 -4.45 -0.78 23.67
C ASN A 431 -3.39 -1.39 24.59
N ILE A 432 -2.26 -0.70 24.77
CA ILE A 432 -1.30 -1.10 25.80
C ILE A 432 -1.97 -1.03 27.18
N MET A 433 -2.80 -0.01 27.39
CA MET A 433 -3.49 0.12 28.68
C MET A 433 -4.49 -1.00 28.89
N VAL A 434 -5.15 -1.44 27.82
CA VAL A 434 -6.00 -2.63 27.90
C VAL A 434 -5.16 -3.84 28.30
N LEU A 435 -4.08 -4.08 27.55
CA LEU A 435 -3.17 -5.19 27.82
C LEU A 435 -2.73 -5.22 29.28
N VAL A 436 -2.36 -4.07 29.83
CA VAL A 436 -1.92 -3.99 31.23
C VAL A 436 -3.09 -4.25 32.17
N SER A 437 -4.26 -3.70 31.84
CA SER A 437 -5.42 -3.85 32.70
C SER A 437 -5.91 -5.30 32.78
N THR A 438 -5.51 -6.15 31.83
CA THR A 438 -5.85 -7.56 31.98
C THR A 438 -5.01 -8.22 33.07
N PHE A 439 -3.71 -7.94 33.10
CA PHE A 439 -2.85 -8.57 34.10
C PHE A 439 -3.13 -8.00 35.50
N CYS A 440 -3.28 -6.68 35.61
CA CYS A 440 -3.50 -6.05 36.89
C CYS A 440 -4.82 -5.29 36.89
N LYS A 441 -5.54 -5.39 38.00
CA LYS A 441 -6.79 -4.66 38.16
C LYS A 441 -6.50 -3.24 38.66
N ASP A 442 -7.01 -2.25 37.92
CA ASP A 442 -7.00 -0.84 38.32
C ASP A 442 -5.59 -0.27 38.47
N CYS A 443 -4.60 -0.84 37.79
CA CYS A 443 -3.28 -0.21 37.76
C CYS A 443 -3.36 1.14 37.07
N VAL A 444 -3.93 1.17 35.88
CA VAL A 444 -3.92 2.38 35.05
C VAL A 444 -5.06 3.29 35.50
N PRO A 445 -4.78 4.57 35.80
CA PRO A 445 -5.80 5.43 36.40
C PRO A 445 -6.83 5.92 35.39
N GLU A 446 -7.95 6.40 35.92
CA GLU A 446 -9.05 6.87 35.10
C GLU A 446 -8.63 8.03 34.21
N THR A 447 -7.81 8.95 34.74
CA THR A 447 -7.29 10.04 33.93
C THR A 447 -6.53 9.50 32.73
N LEU A 448 -5.71 8.47 32.94
CA LEU A 448 -4.98 7.85 31.85
C LEU A 448 -5.93 7.20 30.84
N TRP A 449 -6.98 6.53 31.32
CA TRP A 449 -7.97 5.98 30.40
C TRP A 449 -8.58 7.07 29.53
N GLU A 450 -8.99 8.17 30.15
CA GLU A 450 -9.60 9.27 29.40
C GLU A 450 -8.64 9.82 28.35
N LEU A 451 -7.38 10.05 28.72
CA LEU A 451 -6.42 10.62 27.78
C LEU A 451 -6.11 9.65 26.64
N GLY A 452 -5.92 8.37 26.96
CA GLY A 452 -5.61 7.39 25.92
C GLY A 452 -6.76 7.16 24.97
N TYR A 453 -7.99 7.18 25.49
CA TYR A 453 -9.16 7.12 24.62
C TYR A 453 -9.22 8.35 23.71
N TRP A 454 -8.99 9.53 24.28
CA TRP A 454 -9.08 10.76 23.51
C TRP A 454 -8.00 10.85 22.44
N LEU A 455 -6.84 10.25 22.69
CA LEU A 455 -5.70 10.40 21.77
C LEU A 455 -5.91 9.65 20.47
N CYS A 456 -6.72 8.59 20.47
CA CYS A 456 -6.97 7.84 19.25
C CYS A 456 -7.66 8.68 18.19
N TYR A 457 -8.29 9.79 18.58
CA TYR A 457 -9.00 10.65 17.64
C TYR A 457 -8.05 11.50 16.79
N VAL A 458 -6.80 11.69 17.22
CA VAL A 458 -5.95 12.73 16.62
C VAL A 458 -5.50 12.32 15.22
N ASN A 459 -5.28 11.02 14.99
CA ASN A 459 -4.83 10.59 13.67
C ASN A 459 -5.89 10.84 12.61
N SER A 460 -7.14 11.04 13.00
CA SER A 460 -8.15 11.49 12.07
C SER A 460 -7.88 12.92 11.60
N THR A 461 -7.35 13.77 12.48
CA THR A 461 -6.89 15.08 12.05
C THR A 461 -5.64 14.97 11.19
N ILE A 462 -4.78 14.01 11.50
CA ILE A 462 -3.47 13.96 10.83
C ILE A 462 -3.59 13.41 9.42
N ASN A 463 -4.44 12.40 9.21
CA ASN A 463 -4.49 11.66 7.93
C ASN A 463 -4.63 12.55 6.70
N PRO A 464 -5.63 13.43 6.61
CA PRO A 464 -5.73 14.27 5.41
C PRO A 464 -4.56 15.23 5.26
N MET A 465 -4.00 15.69 6.39
CA MET A 465 -2.85 16.58 6.37
C MET A 465 -1.61 15.91 5.79
N CYS A 466 -1.59 14.59 5.67
CA CYS A 466 -0.41 13.94 5.11
C CYS A 466 -0.41 14.02 3.58
N TYR A 467 -1.35 13.33 2.94
CA TYR A 467 -1.35 13.31 1.47
C TYR A 467 -1.81 14.66 0.89
N ALA A 468 -2.73 15.34 1.56
CA ALA A 468 -3.39 16.49 0.95
C ALA A 468 -2.43 17.66 0.72
N LEU A 469 -1.67 18.04 1.74
CA LEU A 469 -0.91 19.29 1.63
C LEU A 469 0.29 19.13 0.68
N CYS A 470 1.02 18.02 0.78
CA CYS A 470 2.22 17.85 -0.02
C CYS A 470 1.97 17.13 -1.33
N ASN A 471 0.75 16.66 -1.56
CA ASN A 471 0.36 16.15 -2.85
C ASN A 471 -0.30 17.27 -3.65
N LYS A 472 0.13 17.46 -4.88
CA LYS A 472 -0.50 18.45 -5.75
C LYS A 472 -1.91 17.96 -6.12
N ALA A 473 -2.58 18.73 -6.98
CA ALA A 473 -3.97 18.48 -7.37
C ALA A 473 -4.90 18.60 -6.16
N PHE A 474 -4.63 17.80 -5.11
CA PHE A 474 -5.33 18.00 -3.84
C PHE A 474 -5.11 19.40 -3.31
N ARG A 475 -3.84 19.82 -3.21
CA ARG A 475 -3.53 21.14 -2.68
C ARG A 475 -4.21 22.24 -3.49
N ASP A 476 -4.14 22.13 -4.82
CA ASP A 476 -4.70 23.17 -5.68
C ASP A 476 -6.22 23.22 -5.58
N THR A 477 -6.87 22.06 -5.51
CA THR A 477 -8.32 22.04 -5.37
C THR A 477 -8.75 22.56 -4.01
N PHE A 478 -8.00 22.21 -2.95
CA PHE A 478 -8.23 22.78 -1.63
C PHE A 478 -8.17 24.30 -1.70
N ARG A 479 -7.15 24.83 -2.38
CA ARG A 479 -6.98 26.26 -2.50
C ARG A 479 -8.18 26.91 -3.21
N LEU A 480 -8.52 26.40 -4.40
CA LEU A 480 -9.63 26.98 -5.15
C LEU A 480 -10.97 26.80 -4.47
N LEU A 481 -11.12 25.77 -3.61
CA LEU A 481 -12.36 25.57 -2.87
C LEU A 481 -12.46 26.53 -1.70
N LEU A 482 -11.39 26.64 -0.90
CA LEU A 482 -11.36 27.62 0.18
C LEU A 482 -11.46 29.05 -0.34
N LEU A 483 -11.16 29.27 -1.63
CA LEU A 483 -11.38 30.58 -2.24
C LEU A 483 -12.78 30.75 -2.80
N CYS A 484 -13.59 29.69 -2.84
CA CYS A 484 -14.93 29.72 -3.43
C CYS A 484 -14.88 30.08 -4.92
N ARG A 485 -13.77 29.78 -5.59
CA ARG A 485 -13.63 30.12 -7.01
C ARG A 485 -13.30 28.91 -7.86
N TRP A 486 -14.12 27.86 -7.80
CA TRP A 486 -13.96 26.72 -8.68
C TRP A 486 -15.10 26.71 -9.68
N ASP A 487 -14.76 26.84 -10.96
CA ASP A 487 -15.70 26.70 -12.07
C ASP A 487 -15.09 25.72 -13.09
N LYS A 488 -14.87 24.49 -12.64
CA LYS A 488 -14.24 23.45 -13.45
C LYS A 488 -12.86 23.89 -13.94
N ASP B 1 -0.90 2.10 -6.23
CA ASP B 1 -0.33 2.00 -7.57
C ASP B 1 -0.08 3.38 -8.16
N TYR B 2 1.14 3.87 -7.97
CA TYR B 2 1.53 5.18 -8.50
C TYR B 2 2.55 4.96 -9.61
N LYS B 3 3.80 4.70 -9.25
CA LYS B 3 4.82 4.15 -10.15
C LYS B 3 4.87 4.81 -11.53
N ASP B 4 3.78 4.72 -12.28
CA ASP B 4 3.71 5.26 -13.64
C ASP B 4 3.33 6.73 -13.68
N ASP B 5 3.02 7.33 -12.53
CA ASP B 5 2.61 8.73 -12.51
C ASP B 5 3.74 9.65 -12.96
N ASP B 6 3.38 10.71 -13.66
CA ASP B 6 4.36 11.71 -14.09
C ASP B 6 4.67 12.66 -12.95
N ASP B 7 5.89 13.19 -12.97
CA ASP B 7 6.34 14.12 -11.93
C ASP B 7 5.47 15.38 -11.90
#